data_9LPT
#
_entry.id   9LPT
#
_cell.length_a   72.920
_cell.length_b   72.920
_cell.length_c   143.280
_cell.angle_alpha   90.00
_cell.angle_beta   90.00
_cell.angle_gamma   120.00
#
_symmetry.space_group_name_H-M   'P 31 2 1'
#
loop_
_entity.id
_entity.type
_entity.pdbx_description
1 polymer 'Surface protein P113'
2 water water
#
_entity_poly.entity_id   1
_entity_poly.type   'polypeptide(L)'
_entity_poly.pdbx_seq_one_letter_code
;SSNDVNNNTDTLVNNKENKEFVLKEKSSLTSKINKELAHRTALFNKLADNISLLLNKKYDSFEIKDVLEDRYNEMKRDAN
PDVYYIYLMDTLDIEKIEDINLEEVKMSLLASLKETMNKIDTIEKKIEEFKNKYISLYNKVKTTMPELFDLNEDLVLLYN
DFPFDNGMISSDIFFKYNPSENIMDHQEMVKKGSITEDELRIVNDLEPLDNYRRRKRITELRKILVEKLRILYLEKNNLF
NTQASCIKSYCYKNPLNLKTLEVLLKKNYYRLKENKDYDVVSSIIQHLDNVDANKKKKWLTHERILKKLQVLIAEGYKRI
NEKEKDIDRRMAVYNALYEKAQSYNLQKLFNDSNDFLKKYAIMGNSFDD
;
_entity_poly.pdbx_strand_id   A
#
# COMPACT_ATOMS: atom_id res chain seq x y z
N ASP A 10 -6.29 34.60 -5.20
CA ASP A 10 -6.14 34.88 -6.64
C ASP A 10 -6.60 33.66 -7.46
N THR A 11 -7.07 33.93 -8.67
CA THR A 11 -7.60 32.92 -9.58
C THR A 11 -7.23 33.32 -10.99
N LEU A 12 -7.04 32.32 -11.85
CA LEU A 12 -6.70 32.54 -13.25
C LEU A 12 -7.77 31.89 -14.11
N VAL A 13 -8.25 32.62 -15.14
CA VAL A 13 -9.32 32.13 -16.00
C VAL A 13 -8.71 31.24 -17.08
N ASN A 14 -9.56 30.55 -17.86
CA ASN A 14 -9.07 29.66 -18.93
C ASN A 14 -8.38 30.38 -20.06
N ASN A 15 -8.20 31.70 -19.95
CA ASN A 15 -7.63 32.45 -21.05
C ASN A 15 -6.22 31.94 -21.34
N LYS A 16 -5.83 32.02 -22.62
CA LYS A 16 -4.64 31.31 -23.07
C LYS A 16 -3.37 31.82 -22.41
N GLU A 17 -3.28 33.14 -22.23
CA GLU A 17 -2.17 33.71 -21.48
C GLU A 17 -1.99 32.99 -20.15
N ASN A 18 -3.10 32.79 -19.43
CA ASN A 18 -3.01 32.23 -18.09
C ASN A 18 -2.71 30.73 -18.13
N LYS A 19 -3.28 30.00 -19.10
CA LYS A 19 -3.09 28.56 -19.13
C LYS A 19 -1.65 28.20 -19.52
N GLU A 20 -1.05 28.94 -20.45
CA GLU A 20 0.31 28.60 -20.82
C GLU A 20 1.29 28.97 -19.71
N PHE A 21 0.97 30.00 -18.91
CA PHE A 21 1.80 30.31 -17.75
C PHE A 21 1.80 29.16 -16.76
N VAL A 22 0.62 28.58 -16.52
CA VAL A 22 0.49 27.55 -15.49
C VAL A 22 1.20 26.27 -15.91
N LEU A 23 1.05 25.88 -17.17
CA LEU A 23 1.75 24.67 -17.64
C LEU A 23 3.25 24.87 -17.61
N LYS A 24 3.72 26.06 -18.00
CA LYS A 24 5.15 26.33 -17.94
C LYS A 24 5.65 26.30 -16.51
N GLU A 25 4.92 26.95 -15.60
CA GLU A 25 5.37 26.99 -14.22
C GLU A 25 5.29 25.61 -13.58
N LYS A 26 4.23 24.85 -13.90
CA LYS A 26 4.11 23.47 -13.40
C LYS A 26 5.32 22.63 -13.83
N SER A 27 5.66 22.69 -15.11
CA SER A 27 6.79 21.91 -15.63
C SER A 27 8.10 22.32 -14.96
N SER A 28 8.30 23.62 -14.77
CA SER A 28 9.56 24.10 -14.21
C SER A 28 9.74 23.66 -12.77
N LEU A 29 8.68 23.81 -11.97
CA LEU A 29 8.75 23.39 -10.59
C LEU A 29 8.95 21.89 -10.51
N THR A 30 8.28 21.14 -11.39
CA THR A 30 8.44 19.68 -11.41
C THR A 30 9.88 19.31 -11.70
N SER A 31 10.47 19.97 -12.70
CA SER A 31 11.85 19.67 -13.06
C SER A 31 12.80 20.06 -11.92
N LYS A 32 12.52 21.16 -11.23
CA LYS A 32 13.36 21.56 -10.11
C LYS A 32 13.24 20.57 -8.95
N ILE A 33 12.03 20.11 -8.66
CA ILE A 33 11.87 19.14 -7.59
C ILE A 33 12.59 17.84 -7.93
N ASN A 34 12.50 17.40 -9.19
CA ASN A 34 13.12 16.15 -9.59
C ASN A 34 14.63 16.23 -9.48
N LYS A 35 15.20 17.38 -9.79
CA LYS A 35 16.64 17.52 -9.62
C LYS A 35 17.04 17.43 -8.16
N GLU A 36 16.23 18.02 -7.25
CA GLU A 36 16.52 17.87 -5.83
C GLU A 36 16.39 16.43 -5.38
N LEU A 37 15.36 15.73 -5.86
CA LEU A 37 15.19 14.32 -5.50
C LEU A 37 16.38 13.49 -5.96
N ALA A 38 16.89 13.76 -7.16
CA ALA A 38 18.09 13.09 -7.65
C ALA A 38 19.28 13.40 -6.76
N HIS A 39 19.42 14.64 -6.31
N HIS A 39 19.43 14.65 -6.34
CA HIS A 39 20.54 14.98 -5.44
CA HIS A 39 20.52 14.99 -5.44
C HIS A 39 20.42 14.21 -4.13
C HIS A 39 20.41 14.17 -4.15
N ARG A 40 19.21 14.13 -3.57
CA ARG A 40 18.98 13.34 -2.36
C ARG A 40 19.34 11.87 -2.57
N THR A 41 18.88 11.28 -3.66
CA THR A 41 19.21 9.89 -3.94
C THR A 41 20.71 9.68 -4.05
N ALA A 42 21.40 10.59 -4.75
CA ALA A 42 22.85 10.49 -4.89
C ALA A 42 23.55 10.51 -3.54
N LEU A 43 23.07 11.37 -2.61
CA LEU A 43 23.65 11.42 -1.26
C LEU A 43 23.40 10.14 -0.49
N PHE A 44 22.19 9.57 -0.62
CA PHE A 44 21.95 8.28 0.00
C PHE A 44 22.84 7.21 -0.62
N ASN A 45 23.02 7.24 -1.95
CA ASN A 45 23.89 6.23 -2.55
C ASN A 45 25.33 6.36 -2.07
N LYS A 46 25.83 7.60 -2.02
CA LYS A 46 27.20 7.82 -1.57
C LYS A 46 27.42 7.37 -0.13
N LEU A 47 26.45 7.65 0.74
CA LEU A 47 26.51 7.15 2.11
C LEU A 47 26.46 5.63 2.16
N ALA A 48 25.56 5.04 1.38
CA ALA A 48 25.45 3.58 1.41
C ALA A 48 26.73 2.92 0.89
N ASP A 49 27.38 3.56 -0.08
CA ASP A 49 28.63 3.00 -0.59
C ASP A 49 29.66 2.97 0.53
N ASN A 50 29.69 4.06 1.31
CA ASN A 50 30.59 4.20 2.46
C ASN A 50 30.34 3.09 3.48
N ILE A 51 29.08 2.91 3.86
CA ILE A 51 28.73 1.94 4.90
C ILE A 51 28.99 0.51 4.44
N SER A 52 28.71 0.19 3.17
CA SER A 52 29.08 -1.14 2.67
C SER A 52 30.55 -1.47 2.93
N LEU A 53 31.44 -0.53 2.65
CA LEU A 53 32.86 -0.77 2.86
C LEU A 53 33.21 -0.82 4.36
N LEU A 54 32.54 -0.01 5.18
CA LEU A 54 32.73 -0.08 6.63
C LEU A 54 32.42 -1.49 7.15
N LEU A 55 31.40 -2.13 6.58
CA LEU A 55 30.99 -3.47 6.97
C LEU A 55 31.68 -4.56 6.14
N ASN A 56 32.80 -4.23 5.48
CA ASN A 56 33.55 -5.20 4.71
C ASN A 56 32.65 -5.92 3.71
N LYS A 57 31.75 -5.14 3.11
CA LYS A 57 30.84 -5.61 2.06
C LYS A 57 29.93 -6.74 2.53
N LYS A 58 29.56 -6.77 3.82
CA LYS A 58 28.62 -7.78 4.28
C LYS A 58 27.25 -7.59 3.63
N TYR A 59 26.86 -6.35 3.41
CA TYR A 59 25.69 -6.00 2.62
C TYR A 59 26.13 -5.10 1.48
N ASP A 60 25.44 -5.21 0.33
CA ASP A 60 25.88 -4.31 -0.73
C ASP A 60 25.26 -2.92 -0.58
N SER A 61 25.77 -2.00 -1.39
CA SER A 61 25.37 -0.60 -1.25
C SER A 61 23.89 -0.41 -1.49
N PHE A 62 23.33 -1.10 -2.50
CA PHE A 62 21.89 -0.96 -2.76
C PHE A 62 21.05 -1.35 -1.53
N GLU A 63 21.36 -2.50 -0.93
CA GLU A 63 20.58 -2.94 0.23
C GLU A 63 20.58 -1.88 1.33
N ILE A 64 21.74 -1.27 1.59
CA ILE A 64 21.81 -0.27 2.65
C ILE A 64 21.06 1.00 2.27
N LYS A 65 21.17 1.39 1.00
CA LYS A 65 20.48 2.59 0.56
C LYS A 65 18.99 2.38 0.67
N ASP A 66 18.54 1.16 0.35
CA ASP A 66 17.10 0.87 0.37
C ASP A 66 16.58 0.99 1.78
N VAL A 67 17.32 0.45 2.75
CA VAL A 67 16.92 0.57 4.16
C VAL A 67 16.86 2.03 4.58
N LEU A 68 17.92 2.80 4.24
CA LEU A 68 18.01 4.20 4.66
C LEU A 68 16.86 5.00 4.09
N GLU A 69 16.55 4.79 2.83
CA GLU A 69 15.50 5.56 2.17
C GLU A 69 14.14 5.17 2.70
N ASP A 70 13.90 3.87 2.88
CA ASP A 70 12.62 3.47 3.46
C ASP A 70 12.46 4.01 4.89
N ARG A 71 13.50 3.93 5.70
CA ARG A 71 13.41 4.46 7.07
C ARG A 71 13.19 5.97 7.07
N TYR A 72 13.86 6.70 6.17
CA TYR A 72 13.65 8.13 6.04
C TYR A 72 12.19 8.47 5.74
N ASN A 73 11.58 7.77 4.79
CA ASN A 73 10.15 7.97 4.54
C ASN A 73 9.27 7.56 5.74
N GLU A 74 9.56 6.43 6.38
CA GLU A 74 8.81 5.99 7.56
C GLU A 74 8.88 7.01 8.70
N MET A 75 9.96 7.75 8.77
CA MET A 75 10.16 8.71 9.83
C MET A 75 9.82 10.12 9.36
N LYS A 76 8.98 10.25 8.30
CA LYS A 76 8.45 11.54 7.89
C LYS A 76 9.58 12.46 7.46
N ARG A 77 10.64 11.86 6.92
CA ARG A 77 11.76 12.62 6.31
C ARG A 77 12.51 13.43 7.34
N ASP A 78 12.53 12.92 8.57
CA ASP A 78 13.30 13.51 9.65
C ASP A 78 14.79 13.36 9.38
N ALA A 79 15.50 14.48 9.39
CA ALA A 79 16.91 14.49 9.09
C ALA A 79 17.81 14.29 10.31
N ASN A 80 17.23 14.09 11.50
CA ASN A 80 18.03 13.85 12.70
C ASN A 80 18.84 12.55 12.57
N PRO A 81 20.17 12.61 12.64
CA PRO A 81 20.96 11.37 12.49
C PRO A 81 20.66 10.32 13.53
N ASP A 82 20.18 10.74 14.70
CA ASP A 82 19.83 9.81 15.76
C ASP A 82 18.69 8.89 15.37
N VAL A 83 17.85 9.29 14.40
CA VAL A 83 16.80 8.43 13.91
C VAL A 83 17.35 7.27 13.09
N TYR A 84 18.62 7.34 12.66
CA TYR A 84 19.21 6.39 11.73
C TYR A 84 20.31 5.56 12.36
N TYR A 85 21.03 6.12 13.34
CA TYR A 85 22.24 5.45 13.82
C TYR A 85 21.93 4.15 14.55
N ILE A 86 21.15 4.19 15.64
CA ILE A 86 20.89 2.94 16.35
C ILE A 86 20.05 2.03 15.47
N TYR A 87 19.19 2.61 14.62
CA TYR A 87 18.37 1.79 13.73
C TYR A 87 19.23 0.97 12.77
N LEU A 88 20.26 1.59 12.18
CA LEU A 88 21.16 0.83 11.31
C LEU A 88 22.02 -0.18 12.09
N MET A 89 22.55 0.20 13.27
CA MET A 89 23.27 -0.75 14.12
C MET A 89 22.46 -2.01 14.35
N ASP A 90 21.19 -1.85 14.69
CA ASP A 90 20.33 -2.99 14.96
C ASP A 90 19.93 -3.71 13.69
N THR A 91 19.48 -2.94 12.68
CA THR A 91 18.95 -3.59 11.48
C THR A 91 20.02 -4.40 10.75
N LEU A 92 21.24 -3.85 10.67
CA LEU A 92 22.35 -4.51 10.00
C LEU A 92 23.21 -5.33 10.97
N ASP A 93 22.81 -5.43 12.25
CA ASP A 93 23.44 -6.34 13.21
C ASP A 93 24.94 -6.10 13.29
N ILE A 94 25.31 -4.82 13.23
CA ILE A 94 26.71 -4.43 13.08
C ILE A 94 27.57 -4.98 14.20
N GLU A 95 27.04 -5.01 15.42
CA GLU A 95 27.80 -5.48 16.58
C GLU A 95 28.16 -6.97 16.48
N LYS A 96 27.46 -7.75 15.66
CA LYS A 96 27.66 -9.20 15.60
C LYS A 96 28.60 -9.59 14.47
N ILE A 97 28.99 -8.63 13.64
CA ILE A 97 29.88 -8.86 12.52
C ILE A 97 31.27 -9.11 13.08
N GLU A 98 31.77 -10.35 12.95
CA GLU A 98 33.03 -10.76 13.56
C GLU A 98 34.23 -10.42 12.70
N ASP A 99 34.10 -9.45 11.79
CA ASP A 99 35.08 -9.20 10.77
C ASP A 99 35.82 -7.86 10.84
N ILE A 100 35.39 -6.94 11.70
CA ILE A 100 35.67 -5.50 11.59
C ILE A 100 36.13 -5.05 12.96
N ASN A 101 36.64 -3.80 13.05
CA ASN A 101 36.99 -3.25 14.35
C ASN A 101 35.77 -2.39 14.75
N LEU A 102 34.96 -2.95 15.63
CA LEU A 102 33.63 -2.37 15.87
C LEU A 102 33.68 -0.89 16.23
N GLU A 103 34.67 -0.48 17.02
CA GLU A 103 34.51 0.86 17.57
C GLU A 103 34.85 1.94 16.55
N GLU A 104 35.83 1.71 15.66
CA GLU A 104 36.09 2.69 14.61
C GLU A 104 34.94 2.75 13.63
N VAL A 105 34.34 1.60 13.33
CA VAL A 105 33.16 1.56 12.46
C VAL A 105 32.03 2.42 13.02
N LYS A 106 31.77 2.28 14.33
CA LYS A 106 30.67 3.06 14.93
C LYS A 106 30.95 4.56 14.79
N MET A 107 32.19 4.98 15.03
CA MET A 107 32.56 6.39 14.93
C MET A 107 32.41 6.92 13.51
N SER A 108 32.96 6.20 12.51
CA SER A 108 32.80 6.64 11.13
C SER A 108 31.35 6.69 10.72
N LEU A 109 30.57 5.68 11.12
CA LEU A 109 29.17 5.63 10.77
C LEU A 109 28.42 6.83 11.33
N LEU A 110 28.63 7.15 12.61
CA LEU A 110 27.91 8.28 13.17
C LEU A 110 28.34 9.57 12.49
N ALA A 111 29.63 9.74 12.25
CA ALA A 111 30.11 10.94 11.56
C ALA A 111 29.55 11.02 10.15
N SER A 112 29.47 9.88 9.45
CA SER A 112 28.98 9.90 8.07
C SER A 112 27.50 10.19 8.03
N LEU A 113 26.74 9.61 8.97
CA LEU A 113 25.33 9.94 9.07
C LEU A 113 25.14 11.43 9.36
N LYS A 114 25.97 12.00 10.25
CA LYS A 114 25.82 13.42 10.55
C LYS A 114 26.07 14.28 9.31
N GLU A 115 27.17 14.04 8.58
CA GLU A 115 27.44 14.91 7.42
C GLU A 115 26.40 14.72 6.33
N THR A 116 25.96 13.47 6.07
CA THR A 116 25.00 13.24 4.99
C THR A 116 23.63 13.77 5.34
N MET A 117 23.16 13.51 6.57
CA MET A 117 21.80 13.91 6.88
C MET A 117 21.70 15.42 6.96
N ASN A 118 22.81 16.10 7.28
CA ASN A 118 22.79 17.56 7.21
C ASN A 118 22.59 18.05 5.78
N LYS A 119 23.26 17.41 4.80
CA LYS A 119 23.05 17.78 3.40
C LYS A 119 21.65 17.42 2.90
N ILE A 120 21.10 16.28 3.31
CA ILE A 120 19.75 15.91 2.88
C ILE A 120 18.71 16.87 3.47
N ASP A 121 18.95 17.32 4.70
CA ASP A 121 18.10 18.32 5.34
C ASP A 121 17.97 19.57 4.48
N THR A 122 19.09 20.13 4.05
CA THR A 122 19.06 21.27 3.15
C THR A 122 18.26 20.99 1.90
N ILE A 123 18.46 19.81 1.31
CA ILE A 123 17.73 19.48 0.08
C ILE A 123 16.23 19.36 0.34
N GLU A 124 15.85 18.64 1.42
CA GLU A 124 14.43 18.46 1.69
C GLU A 124 13.75 19.78 1.97
N LYS A 125 14.46 20.75 2.57
CA LYS A 125 13.84 22.06 2.79
C LYS A 125 13.68 22.84 1.50
N LYS A 126 14.59 22.65 0.51
CA LYS A 126 14.40 23.21 -0.83
C LYS A 126 13.17 22.62 -1.49
N ILE A 127 12.99 21.30 -1.34
CA ILE A 127 11.83 20.67 -1.96
C ILE A 127 10.55 21.24 -1.37
N GLU A 128 10.55 21.45 -0.05
CA GLU A 128 9.38 22.00 0.62
C GLU A 128 8.99 23.36 0.05
N GLU A 129 9.97 24.23 -0.17
CA GLU A 129 9.65 25.55 -0.73
C GLU A 129 9.08 25.44 -2.15
N PHE A 130 9.66 24.58 -3.00
CA PHE A 130 9.09 24.36 -4.33
C PHE A 130 7.67 23.80 -4.21
N LYS A 131 7.45 22.88 -3.26
CA LYS A 131 6.13 22.30 -3.07
C LYS A 131 5.12 23.38 -2.68
N ASN A 132 5.52 24.32 -1.81
CA ASN A 132 4.61 25.40 -1.45
C ASN A 132 4.19 26.19 -2.69
N LYS A 133 5.15 26.54 -3.56
CA LYS A 133 4.80 27.33 -4.74
C LYS A 133 3.92 26.52 -5.69
N TYR A 134 4.19 25.22 -5.79
CA TYR A 134 3.40 24.35 -6.66
C TYR A 134 1.96 24.28 -6.19
N ILE A 135 1.75 24.11 -4.88
CA ILE A 135 0.40 24.07 -4.36
C ILE A 135 -0.30 25.41 -4.53
N SER A 136 0.42 26.52 -4.30
CA SER A 136 -0.21 27.81 -4.50
C SER A 136 -0.59 28.02 -5.96
N LEU A 137 0.21 27.46 -6.89
CA LEU A 137 -0.15 27.51 -8.30
C LEU A 137 -1.41 26.69 -8.57
N TYR A 138 -1.47 25.49 -7.98
CA TYR A 138 -2.63 24.63 -8.17
C TYR A 138 -3.89 25.30 -7.64
N ASN A 139 -3.79 25.96 -6.48
CA ASN A 139 -4.97 26.58 -5.89
C ASN A 139 -5.54 27.73 -6.71
N LYS A 140 -4.74 28.33 -7.59
CA LYS A 140 -5.26 29.35 -8.49
C LYS A 140 -6.11 28.78 -9.63
N VAL A 141 -5.93 27.51 -10.00
CA VAL A 141 -6.60 26.97 -11.16
C VAL A 141 -7.49 25.77 -10.86
N LYS A 142 -7.54 25.31 -9.61
CA LYS A 142 -8.28 24.07 -9.33
C LYS A 142 -9.77 24.17 -9.67
N THR A 143 -10.34 25.36 -9.71
CA THR A 143 -11.73 25.51 -10.13
C THR A 143 -11.88 25.99 -11.56
N THR A 144 -10.93 26.76 -12.09
CA THR A 144 -11.08 27.30 -13.43
C THR A 144 -10.43 26.46 -14.52
N MET A 145 -9.31 25.78 -14.25
CA MET A 145 -8.71 24.84 -15.22
C MET A 145 -8.26 23.57 -14.53
N PRO A 146 -9.20 22.81 -13.94
CA PRO A 146 -8.81 21.63 -13.15
C PRO A 146 -8.05 20.60 -13.94
N GLU A 147 -8.27 20.54 -15.24
CA GLU A 147 -7.65 19.53 -16.08
C GLU A 147 -6.16 19.73 -16.27
N LEU A 148 -5.59 20.85 -15.81
CA LEU A 148 -4.15 20.98 -15.97
C LEU A 148 -3.37 20.16 -14.93
N PHE A 149 -4.07 19.56 -13.97
CA PHE A 149 -3.48 18.79 -12.89
C PHE A 149 -4.26 17.48 -12.73
N ASP A 150 -3.54 16.39 -12.53
CA ASP A 150 -4.12 15.07 -12.34
C ASP A 150 -3.92 14.69 -10.88
N LEU A 151 -4.97 14.77 -10.09
CA LEU A 151 -4.82 14.54 -8.67
C LEU A 151 -4.66 13.07 -8.32
N ASN A 152 -4.93 12.17 -9.25
CA ASN A 152 -4.74 10.77 -8.95
C ASN A 152 -3.27 10.36 -9.05
N GLU A 153 -2.40 11.22 -9.57
CA GLU A 153 -1.01 10.82 -9.72
C GLU A 153 0.01 11.89 -9.43
N ASP A 154 -0.38 13.15 -9.29
CA ASP A 154 0.58 14.27 -9.23
C ASP A 154 1.69 14.06 -8.20
N LEU A 155 2.94 14.14 -8.68
CA LEU A 155 4.08 13.90 -7.80
C LEU A 155 4.08 14.83 -6.60
N VAL A 156 3.81 16.10 -6.82
CA VAL A 156 3.93 17.05 -5.73
C VAL A 156 2.69 17.05 -4.83
N LEU A 157 1.49 17.01 -5.41
CA LEU A 157 0.29 17.09 -4.58
C LEU A 157 0.18 15.89 -3.64
N LEU A 158 0.72 14.75 -4.05
CA LEU A 158 0.72 13.50 -3.28
C LEU A 158 2.03 13.22 -2.56
N TYR A 159 2.93 14.19 -2.50
CA TYR A 159 4.31 13.94 -2.07
C TYR A 159 4.38 13.39 -0.64
N ASN A 160 3.50 13.84 0.25
CA ASN A 160 3.58 13.44 1.65
C ASN A 160 2.85 12.13 1.93
N ASP A 161 2.09 11.60 0.97
CA ASP A 161 1.38 10.35 1.24
C ASP A 161 2.35 9.19 1.35
N PHE A 162 2.13 8.33 2.35
CA PHE A 162 3.00 7.18 2.57
C PHE A 162 2.19 6.19 3.38
N PRO A 163 2.34 4.89 3.14
CA PRO A 163 1.57 3.88 3.90
C PRO A 163 2.22 3.60 5.25
N PHE A 164 2.00 4.53 6.17
CA PHE A 164 2.52 4.31 7.51
C PHE A 164 1.75 3.16 8.17
N ASP A 165 2.47 2.39 8.99
CA ASP A 165 1.85 1.36 9.81
C ASP A 165 0.96 0.44 8.97
N ASN A 166 1.52 -0.03 7.84
CA ASN A 166 0.67 -0.77 6.88
C ASN A 166 0.50 -2.23 7.22
N GLY A 167 1.25 -2.76 8.17
CA GLY A 167 1.10 -4.16 8.54
C GLY A 167 1.74 -5.19 7.62
N MET A 168 2.27 -4.77 6.43
CA MET A 168 2.75 -5.72 5.43
C MET A 168 4.24 -5.63 5.16
N ILE A 169 4.84 -4.45 5.29
CA ILE A 169 6.26 -4.29 4.94
C ILE A 169 6.81 -3.09 5.70
N SER A 170 8.11 -3.12 5.96
CA SER A 170 8.79 -2.03 6.66
C SER A 170 10.26 -2.10 6.22
N SER A 171 10.99 -1.03 6.53
CA SER A 171 12.37 -0.91 6.01
C SER A 171 13.28 -2.05 6.43
N ASP A 172 13.00 -2.73 7.57
CA ASP A 172 13.92 -3.79 7.99
C ASP A 172 13.55 -5.18 7.44
N ILE A 173 12.61 -5.23 6.51
CA ILE A 173 12.32 -6.52 5.88
C ILE A 173 13.59 -7.18 5.31
N PHE A 174 13.65 -8.50 5.48
CA PHE A 174 14.73 -9.42 5.05
C PHE A 174 16.00 -9.25 5.89
N PHE A 175 16.08 -8.20 6.68
CA PHE A 175 17.12 -8.10 7.70
C PHE A 175 16.64 -8.70 9.01
N LYS A 176 15.46 -8.30 9.49
CA LYS A 176 14.96 -8.67 10.80
C LYS A 176 13.79 -9.64 10.76
N TYR A 177 13.19 -9.83 9.59
CA TYR A 177 12.11 -10.81 9.45
C TYR A 177 12.05 -11.20 7.99
N ASN A 178 11.51 -12.39 7.73
CA ASN A 178 11.54 -12.95 6.38
C ASN A 178 10.21 -13.56 6.01
N PRO A 179 9.28 -12.75 5.50
CA PRO A 179 8.00 -13.28 5.03
C PRO A 179 8.16 -14.10 3.77
N SER A 180 7.15 -14.93 3.50
CA SER A 180 7.20 -15.76 2.30
C SER A 180 7.04 -14.93 1.02
N GLU A 181 7.80 -15.29 -0.03
CA GLU A 181 7.62 -14.65 -1.32
C GLU A 181 6.74 -15.44 -2.25
N ASN A 182 6.16 -16.53 -1.77
CA ASN A 182 5.33 -17.44 -2.56
C ASN A 182 3.88 -17.17 -2.21
N ILE A 183 3.04 -16.99 -3.23
CA ILE A 183 1.60 -16.85 -2.96
C ILE A 183 1.08 -18.16 -2.39
N MET A 184 0.02 -18.04 -1.56
CA MET A 184 -0.59 -19.19 -0.90
C MET A 184 -1.01 -20.31 -1.84
N ASP A 185 -1.08 -21.52 -1.26
CA ASP A 185 -1.47 -22.71 -1.99
C ASP A 185 -2.74 -22.45 -2.79
N HIS A 186 -2.74 -22.82 -4.07
CA HIS A 186 -3.89 -22.49 -4.91
C HIS A 186 -5.14 -23.24 -4.50
N GLN A 187 -5.04 -24.52 -4.13
CA GLN A 187 -6.25 -25.23 -3.72
C GLN A 187 -6.86 -24.57 -2.48
N GLU A 188 -6.02 -24.15 -1.54
CA GLU A 188 -6.53 -23.42 -0.38
C GLU A 188 -7.19 -22.12 -0.80
N MET A 189 -6.62 -21.45 -1.79
CA MET A 189 -7.08 -20.10 -2.05
C MET A 189 -8.46 -20.13 -2.71
N VAL A 190 -8.74 -21.17 -3.49
CA VAL A 190 -10.04 -21.20 -4.18
C VAL A 190 -11.10 -21.92 -3.35
N LYS A 191 -10.71 -22.59 -2.26
CA LYS A 191 -11.74 -23.29 -1.49
C LYS A 191 -12.65 -22.30 -0.74
N LYS A 192 -13.96 -22.54 -0.79
CA LYS A 192 -14.90 -21.64 -0.16
C LYS A 192 -14.87 -21.80 1.36
N GLY A 193 -15.08 -20.69 2.06
CA GLY A 193 -15.26 -20.76 3.50
C GLY A 193 -16.56 -21.49 3.85
N SER A 194 -16.50 -22.30 4.89
CA SER A 194 -17.59 -23.15 5.26
C SER A 194 -17.83 -23.02 6.75
N ILE A 195 -19.07 -23.26 7.13
CA ILE A 195 -19.49 -23.27 8.51
C ILE A 195 -19.85 -24.68 8.93
N THR A 196 -19.86 -24.90 10.24
CA THR A 196 -20.20 -26.16 10.89
C THR A 196 -21.67 -26.20 11.29
N GLU A 197 -22.15 -27.40 11.61
CA GLU A 197 -23.52 -27.54 12.11
C GLU A 197 -23.74 -26.71 13.36
N ASP A 198 -22.69 -26.54 14.18
CA ASP A 198 -22.85 -25.79 15.41
C ASP A 198 -23.10 -24.32 15.13
N GLU A 199 -22.52 -23.81 14.07
CA GLU A 199 -22.78 -22.43 13.71
C GLU A 199 -24.18 -22.19 13.17
N LEU A 200 -24.90 -23.24 12.77
CA LEU A 200 -26.26 -23.12 12.30
C LEU A 200 -27.26 -23.30 13.44
N ARG A 201 -26.78 -23.70 14.63
CA ARG A 201 -27.67 -23.88 15.76
C ARG A 201 -28.51 -22.64 15.99
N ILE A 202 -27.92 -21.46 15.81
CA ILE A 202 -28.63 -20.20 16.10
C ILE A 202 -29.82 -20.03 15.16
N VAL A 203 -29.69 -20.53 13.92
CA VAL A 203 -30.81 -20.48 12.97
C VAL A 203 -31.83 -21.56 13.27
N ASN A 204 -31.38 -22.78 13.56
CA ASN A 204 -32.33 -23.85 13.80
C ASN A 204 -33.05 -23.67 15.13
N ASP A 205 -32.47 -22.88 16.03
CA ASP A 205 -33.12 -22.57 17.30
C ASP A 205 -34.37 -21.73 17.12
N LEU A 206 -34.61 -21.19 15.92
CA LEU A 206 -35.85 -20.46 15.67
C LEU A 206 -37.05 -21.35 15.60
N GLU A 207 -36.85 -22.64 15.34
CA GLU A 207 -38.02 -23.50 15.11
C GLU A 207 -38.97 -23.64 16.30
N PRO A 208 -38.52 -23.81 17.56
CA PRO A 208 -39.47 -23.92 18.69
C PRO A 208 -40.17 -22.61 19.08
N LEU A 209 -39.81 -21.48 18.47
CA LEU A 209 -40.34 -20.18 18.91
C LEU A 209 -41.67 -19.89 18.23
N ASP A 210 -42.49 -19.08 18.91
CA ASP A 210 -43.70 -18.60 18.28
C ASP A 210 -43.38 -17.56 17.22
N ASN A 211 -44.40 -17.13 16.48
CA ASN A 211 -44.18 -16.26 15.33
C ASN A 211 -43.57 -14.92 15.74
N TYR A 212 -43.95 -14.39 16.93
CA TYR A 212 -43.52 -13.04 17.32
C TYR A 212 -42.06 -13.05 17.70
N ARG A 213 -41.63 -14.07 18.48
CA ARG A 213 -40.22 -14.12 18.84
C ARG A 213 -39.40 -14.53 17.64
N ARG A 214 -39.96 -15.30 16.68
CA ARG A 214 -39.22 -15.61 15.46
C ARG A 214 -38.88 -14.33 14.73
N ARG A 215 -39.85 -13.47 14.57
CA ARG A 215 -39.60 -12.27 13.79
C ARG A 215 -38.59 -11.38 14.50
N LYS A 216 -38.70 -11.28 15.82
CA LYS A 216 -37.77 -10.48 16.60
C LYS A 216 -36.35 -11.01 16.43
N ARG A 217 -36.20 -12.32 16.59
CA ARG A 217 -34.85 -12.89 16.58
C ARG A 217 -34.23 -12.84 15.18
N ILE A 218 -35.05 -13.10 14.16
CA ILE A 218 -34.57 -13.03 12.78
C ILE A 218 -34.10 -11.63 12.47
N THR A 219 -34.89 -10.63 12.89
CA THR A 219 -34.48 -9.23 12.66
C THR A 219 -33.16 -8.93 13.36
N GLU A 220 -33.00 -9.39 14.59
CA GLU A 220 -31.77 -9.10 15.35
C GLU A 220 -30.56 -9.74 14.67
N LEU A 221 -30.69 -11.00 14.30
CA LEU A 221 -29.56 -11.68 13.67
C LEU A 221 -29.24 -11.09 12.31
N ARG A 222 -30.26 -10.74 11.52
CA ARG A 222 -30.02 -10.15 10.21
C ARG A 222 -29.17 -8.89 10.35
N LYS A 223 -29.54 -8.04 11.32
CA LYS A 223 -28.78 -6.80 11.54
C LYS A 223 -27.34 -7.09 11.91
N ILE A 224 -27.13 -8.10 12.75
CA ILE A 224 -25.77 -8.40 13.18
C ILE A 224 -24.94 -8.91 12.00
N LEU A 225 -25.54 -9.73 11.15
CA LEU A 225 -24.80 -10.30 10.02
C LEU A 225 -24.47 -9.24 8.99
N VAL A 226 -25.45 -8.37 8.70
CA VAL A 226 -25.22 -7.33 7.71
C VAL A 226 -24.11 -6.38 8.17
N GLU A 227 -24.09 -6.05 9.46
CA GLU A 227 -23.02 -5.20 9.99
C GLU A 227 -21.67 -5.90 9.84
N LYS A 228 -21.60 -7.20 10.17
CA LYS A 228 -20.33 -7.91 10.00
C LYS A 228 -19.88 -7.89 8.55
N LEU A 229 -20.81 -8.09 7.63
CA LEU A 229 -20.47 -8.18 6.21
C LEU A 229 -20.06 -6.80 5.67
N ARG A 230 -20.72 -5.75 6.14
CA ARG A 230 -20.35 -4.39 5.76
C ARG A 230 -18.88 -4.16 6.08
N ILE A 231 -18.49 -4.50 7.30
CA ILE A 231 -17.08 -4.33 7.72
C ILE A 231 -16.14 -5.21 6.89
N LEU A 232 -16.49 -6.48 6.65
CA LEU A 232 -15.60 -7.35 5.86
C LEU A 232 -15.38 -6.81 4.45
N TYR A 233 -16.42 -6.32 3.77
CA TYR A 233 -16.21 -5.86 2.41
C TYR A 233 -15.34 -4.62 2.44
N LEU A 234 -15.58 -3.76 3.43
CA LEU A 234 -14.78 -2.56 3.64
C LEU A 234 -13.33 -2.90 3.81
N GLU A 235 -13.04 -3.82 4.73
CA GLU A 235 -11.66 -4.19 5.03
C GLU A 235 -11.00 -4.84 3.82
N LYS A 236 -11.74 -5.67 3.05
CA LYS A 236 -11.14 -6.30 1.86
C LYS A 236 -10.70 -5.24 0.84
N ASN A 237 -11.53 -4.25 0.61
CA ASN A 237 -11.16 -3.19 -0.30
C ASN A 237 -9.97 -2.39 0.22
N ASN A 238 -9.98 -2.11 1.53
CA ASN A 238 -8.88 -1.38 2.13
C ASN A 238 -7.57 -2.14 1.97
N LEU A 239 -7.59 -3.47 2.06
CA LEU A 239 -6.34 -4.20 1.86
C LEU A 239 -5.77 -4.01 0.45
N PHE A 240 -6.60 -4.05 -0.59
CA PHE A 240 -6.07 -3.84 -1.93
C PHE A 240 -5.45 -2.45 -2.01
N ASN A 241 -6.09 -1.47 -1.37
CA ASN A 241 -5.61 -0.09 -1.43
C ASN A 241 -4.27 0.00 -0.72
N THR A 242 -4.15 -0.67 0.42
CA THR A 242 -2.87 -0.66 1.15
C THR A 242 -1.79 -1.39 0.35
N GLN A 243 -2.15 -2.52 -0.26
CA GLN A 243 -1.16 -3.23 -1.08
C GLN A 243 -0.63 -2.34 -2.19
N ALA A 244 -1.53 -1.62 -2.87
CA ALA A 244 -1.09 -0.75 -3.96
C ALA A 244 -0.18 0.35 -3.44
N SER A 245 -0.54 0.94 -2.30
CA SER A 245 0.25 2.03 -1.76
C SER A 245 1.63 1.50 -1.38
N CYS A 246 1.68 0.30 -0.80
CA CYS A 246 3.00 -0.24 -0.43
C CYS A 246 3.84 -0.53 -1.66
N ILE A 247 3.23 -1.02 -2.75
CA ILE A 247 4.01 -1.27 -3.97
C ILE A 247 4.57 0.04 -4.48
N LYS A 248 3.77 1.08 -4.45
CA LYS A 248 4.22 2.37 -4.96
C LYS A 248 5.36 2.90 -4.12
N SER A 249 5.22 2.86 -2.78
CA SER A 249 6.15 3.56 -1.90
C SER A 249 7.39 2.74 -1.53
N TYR A 250 7.33 1.40 -1.54
CA TYR A 250 8.51 0.61 -1.16
C TYR A 250 9.22 -0.01 -2.38
N CYS A 251 8.53 -0.18 -3.50
CA CYS A 251 9.09 -0.86 -4.66
C CYS A 251 9.34 0.11 -5.80
N TYR A 252 8.29 0.77 -6.26
CA TYR A 252 8.44 1.57 -7.49
C TYR A 252 9.13 2.90 -7.18
N LYS A 253 8.70 3.57 -6.10
CA LYS A 253 9.34 4.77 -5.58
C LYS A 253 9.35 5.90 -6.59
N ASN A 254 8.27 6.01 -7.33
CA ASN A 254 8.07 7.04 -8.36
C ASN A 254 6.59 7.29 -8.47
N PRO A 255 6.17 8.44 -9.02
CA PRO A 255 4.74 8.75 -9.10
C PRO A 255 3.98 7.77 -9.99
N LEU A 256 2.77 7.43 -9.57
CA LEU A 256 1.84 6.66 -10.39
C LEU A 256 0.42 6.89 -9.89
N ASN A 257 -0.55 6.35 -10.64
CA ASN A 257 -1.97 6.45 -10.30
C ASN A 257 -2.35 5.23 -9.46
N LEU A 258 -2.61 5.43 -8.15
CA LEU A 258 -2.84 4.27 -7.31
C LEU A 258 -4.15 3.59 -7.65
N LYS A 259 -5.12 4.35 -8.12
CA LYS A 259 -6.42 3.76 -8.49
C LYS A 259 -6.23 2.75 -9.60
N THR A 260 -5.41 3.12 -10.59
CA THR A 260 -5.12 2.19 -11.69
C THR A 260 -4.42 0.94 -11.20
N LEU A 261 -3.46 1.09 -10.30
CA LEU A 261 -2.76 -0.07 -9.78
C LEU A 261 -3.68 -0.94 -8.92
N GLU A 262 -4.55 -0.31 -8.11
CA GLU A 262 -5.52 -1.07 -7.32
C GLU A 262 -6.40 -1.92 -8.22
N VAL A 263 -6.90 -1.32 -9.30
CA VAL A 263 -7.73 -2.08 -10.24
C VAL A 263 -6.98 -3.29 -10.76
N LEU A 264 -5.71 -3.13 -11.10
CA LEU A 264 -4.95 -4.25 -11.67
C LEU A 264 -4.69 -5.32 -10.62
N LEU A 265 -4.43 -4.90 -9.36
CA LEU A 265 -4.22 -5.88 -8.29
C LEU A 265 -5.47 -6.70 -8.07
N LYS A 266 -6.65 -6.06 -8.14
CA LYS A 266 -7.92 -6.80 -8.00
C LYS A 266 -8.11 -7.73 -9.18
N LYS A 267 -7.90 -7.23 -10.40
CA LYS A 267 -8.09 -8.09 -11.57
C LYS A 267 -7.21 -9.33 -11.46
N ASN A 268 -5.97 -9.13 -11.06
CA ASN A 268 -5.01 -10.21 -11.03
C ASN A 268 -5.32 -11.22 -9.96
N TYR A 269 -5.92 -10.78 -8.85
CA TYR A 269 -6.34 -11.70 -7.81
C TYR A 269 -7.36 -12.69 -8.37
N TYR A 270 -8.38 -12.16 -9.03
CA TYR A 270 -9.39 -13.06 -9.56
C TYR A 270 -8.87 -13.87 -10.74
N ARG A 271 -7.95 -13.30 -11.51
CA ARG A 271 -7.32 -14.07 -12.59
C ARG A 271 -6.58 -15.28 -12.04
N LEU A 272 -5.83 -15.07 -10.94
CA LEU A 272 -5.10 -16.18 -10.32
C LEU A 272 -6.06 -17.24 -9.79
N LYS A 273 -7.16 -16.82 -9.13
CA LYS A 273 -8.12 -17.84 -8.70
C LYS A 273 -8.60 -18.67 -9.88
N GLU A 274 -8.79 -18.03 -11.03
CA GLU A 274 -9.35 -18.81 -12.13
C GLU A 274 -8.30 -19.68 -12.82
N ASN A 275 -7.04 -19.24 -12.81
CA ASN A 275 -5.98 -19.93 -13.54
C ASN A 275 -4.76 -20.03 -12.64
N LYS A 276 -4.46 -21.23 -12.12
CA LYS A 276 -3.34 -21.33 -11.16
C LYS A 276 -1.98 -20.99 -11.80
N ASP A 277 -1.87 -21.02 -13.12
CA ASP A 277 -0.59 -20.67 -13.72
C ASP A 277 -0.45 -19.18 -14.07
N TYR A 278 -1.43 -18.35 -13.74
CA TYR A 278 -1.31 -16.93 -14.06
C TYR A 278 -0.16 -16.28 -13.28
N ASP A 279 0.64 -15.46 -13.98
CA ASP A 279 1.84 -14.80 -13.42
C ASP A 279 1.49 -13.38 -12.98
N VAL A 280 1.12 -13.23 -11.71
CA VAL A 280 0.76 -11.92 -11.20
C VAL A 280 1.96 -11.00 -11.14
N VAL A 281 3.13 -11.52 -10.76
CA VAL A 281 4.28 -10.64 -10.59
C VAL A 281 4.69 -10.02 -11.92
N SER A 282 4.71 -10.81 -12.99
CA SER A 282 5.08 -10.27 -14.30
C SER A 282 4.07 -9.20 -14.74
N SER A 283 2.80 -9.42 -14.43
CA SER A 283 1.77 -8.44 -14.78
C SER A 283 2.00 -7.10 -14.08
N ILE A 284 2.37 -7.15 -12.79
CA ILE A 284 2.61 -5.92 -12.03
C ILE A 284 3.87 -5.26 -12.51
N ILE A 285 4.92 -6.05 -12.77
CA ILE A 285 6.16 -5.49 -13.29
C ILE A 285 5.92 -4.77 -14.60
N GLN A 286 5.15 -5.40 -15.51
CA GLN A 286 4.83 -4.77 -16.78
C GLN A 286 4.11 -3.44 -16.59
N HIS A 287 3.13 -3.43 -15.68
CA HIS A 287 2.41 -2.20 -15.39
C HIS A 287 3.37 -1.12 -14.94
N LEU A 288 4.21 -1.43 -13.98
CA LEU A 288 5.10 -0.39 -13.45
C LEU A 288 6.10 0.06 -14.51
N ASP A 289 6.55 -0.85 -15.37
CA ASP A 289 7.45 -0.46 -16.45
C ASP A 289 6.81 0.55 -17.39
N ASN A 290 5.49 0.46 -17.56
CA ASN A 290 4.78 1.26 -18.55
C ASN A 290 4.21 2.57 -18.00
N VAL A 291 4.33 2.82 -16.70
CA VAL A 291 3.81 4.06 -16.12
C VAL A 291 4.47 5.27 -16.76
N ASP A 292 5.78 5.26 -16.89
CA ASP A 292 6.45 6.48 -17.30
C ASP A 292 6.47 6.47 -18.82
N ALA A 293 5.93 7.55 -19.42
CA ALA A 293 5.74 7.62 -20.87
C ALA A 293 7.06 7.50 -21.61
N ASN A 294 8.14 8.04 -21.03
CA ASN A 294 9.49 7.91 -21.56
C ASN A 294 10.09 6.53 -21.31
N LYS A 295 9.45 5.70 -20.46
CA LYS A 295 10.02 4.43 -19.98
C LYS A 295 11.42 4.67 -19.42
N LYS A 296 11.59 5.84 -18.85
CA LYS A 296 12.86 6.28 -18.32
C LYS A 296 13.03 5.94 -16.85
N LYS A 297 12.01 5.35 -16.21
CA LYS A 297 12.09 5.09 -14.79
C LYS A 297 12.67 3.70 -14.57
N LYS A 298 13.91 3.65 -14.05
CA LYS A 298 14.56 2.37 -13.80
C LYS A 298 14.42 2.07 -12.30
N TRP A 299 13.59 1.12 -11.98
CA TRP A 299 13.11 0.93 -10.62
C TRP A 299 13.39 -0.47 -10.12
N LEU A 300 13.52 -1.48 -11.00
CA LEU A 300 13.76 -2.84 -10.56
C LEU A 300 15.22 -3.18 -10.79
N THR A 301 16.08 -2.58 -9.99
CA THR A 301 17.49 -2.58 -10.30
C THR A 301 18.27 -3.47 -9.35
N HIS A 302 17.60 -4.17 -8.46
CA HIS A 302 18.28 -5.08 -7.56
C HIS A 302 17.27 -6.15 -7.17
N GLU A 303 17.76 -7.35 -6.84
CA GLU A 303 16.83 -8.43 -6.48
C GLU A 303 15.98 -8.07 -5.25
N ARG A 304 16.49 -7.20 -4.38
CA ARG A 304 15.73 -6.87 -3.16
C ARG A 304 14.38 -6.27 -3.52
N ILE A 305 14.35 -5.48 -4.60
CA ILE A 305 13.11 -4.85 -5.01
C ILE A 305 12.11 -5.90 -5.48
N LEU A 306 12.58 -6.88 -6.25
CA LEU A 306 11.73 -8.00 -6.66
C LEU A 306 11.18 -8.73 -5.45
N LYS A 307 12.04 -9.00 -4.47
CA LYS A 307 11.60 -9.74 -3.30
C LYS A 307 10.54 -8.95 -2.54
N LYS A 308 10.74 -7.63 -2.39
CA LYS A 308 9.71 -6.84 -1.69
C LYS A 308 8.38 -6.92 -2.44
N LEU A 309 8.45 -6.83 -3.76
CA LEU A 309 7.23 -6.94 -4.56
C LEU A 309 6.56 -8.30 -4.39
N GLN A 310 7.35 -9.38 -4.48
CA GLN A 310 6.79 -10.72 -4.29
C GLN A 310 6.10 -10.82 -2.92
N VAL A 311 6.75 -10.28 -1.88
CA VAL A 311 6.14 -10.35 -0.54
C VAL A 311 4.83 -9.58 -0.51
N LEU A 312 4.81 -8.41 -1.13
CA LEU A 312 3.61 -7.59 -1.02
C LEU A 312 2.46 -8.24 -1.78
N ILE A 313 2.75 -8.80 -2.94
CA ILE A 313 1.71 -9.52 -3.67
C ILE A 313 1.22 -10.69 -2.83
N ALA A 314 2.15 -11.48 -2.29
CA ALA A 314 1.71 -12.67 -1.54
C ALA A 314 1.00 -12.32 -0.22
N GLU A 315 1.54 -11.38 0.55
N GLU A 315 1.55 -11.38 0.55
CA GLU A 315 0.93 -11.05 1.85
CA GLU A 315 0.97 -11.02 1.83
C GLU A 315 -0.42 -10.38 1.68
C GLU A 315 -0.43 -10.44 1.63
N GLY A 316 -0.55 -9.50 0.68
CA GLY A 316 -1.83 -8.85 0.46
C GLY A 316 -2.89 -9.85 0.02
N TYR A 317 -2.52 -10.74 -0.92
CA TYR A 317 -3.50 -11.70 -1.41
C TYR A 317 -3.90 -12.68 -0.30
N LYS A 318 -2.95 -13.06 0.55
CA LYS A 318 -3.27 -13.96 1.66
C LYS A 318 -4.31 -13.35 2.56
N ARG A 319 -4.10 -12.08 2.91
CA ARG A 319 -5.04 -11.37 3.78
C ARG A 319 -6.39 -11.21 3.11
N ILE A 320 -6.37 -10.85 1.84
CA ILE A 320 -7.61 -10.67 1.09
C ILE A 320 -8.36 -12.00 1.03
N ASN A 321 -7.62 -13.09 0.84
CA ASN A 321 -8.28 -14.40 0.81
C ASN A 321 -8.91 -14.75 2.16
N GLU A 322 -8.24 -14.40 3.27
CA GLU A 322 -8.82 -14.65 4.60
C GLU A 322 -10.15 -13.91 4.75
N LYS A 323 -10.20 -12.65 4.26
CA LYS A 323 -11.46 -11.88 4.31
C LYS A 323 -12.52 -12.53 3.44
N GLU A 324 -12.15 -13.00 2.27
CA GLU A 324 -13.14 -13.63 1.39
C GLU A 324 -13.73 -14.86 2.06
N LYS A 325 -12.89 -15.65 2.73
CA LYS A 325 -13.44 -16.84 3.39
C LYS A 325 -14.36 -16.44 4.55
N ASP A 326 -14.02 -15.35 5.28
CA ASP A 326 -14.90 -14.86 6.34
C ASP A 326 -16.21 -14.36 5.75
N ILE A 327 -16.17 -13.71 4.58
CA ILE A 327 -17.41 -13.31 3.91
C ILE A 327 -18.25 -14.52 3.55
N ASP A 328 -17.62 -15.58 3.01
CA ASP A 328 -18.34 -16.83 2.71
C ASP A 328 -19.02 -17.36 3.96
N ARG A 329 -18.32 -17.37 5.09
CA ARG A 329 -18.93 -17.94 6.29
C ARG A 329 -20.10 -17.08 6.77
N ARG A 330 -19.95 -15.76 6.79
CA ARG A 330 -21.08 -14.94 7.22
C ARG A 330 -22.25 -15.08 6.25
N MET A 331 -21.95 -15.16 4.95
CA MET A 331 -23.03 -15.27 3.97
C MET A 331 -23.73 -16.61 4.16
N ALA A 332 -22.97 -17.65 4.55
CA ALA A 332 -23.61 -18.97 4.73
C ALA A 332 -24.65 -18.90 5.85
N VAL A 333 -24.33 -18.23 6.95
CA VAL A 333 -25.32 -18.03 8.02
C VAL A 333 -26.45 -17.14 7.52
N TYR A 334 -26.12 -16.04 6.85
CA TYR A 334 -27.16 -15.16 6.33
C TYR A 334 -28.11 -15.90 5.41
N ASN A 335 -27.57 -16.73 4.50
CA ASN A 335 -28.43 -17.45 3.56
C ASN A 335 -29.30 -18.47 4.28
N ALA A 336 -28.73 -19.13 5.29
CA ALA A 336 -29.53 -20.08 6.06
C ALA A 336 -30.66 -19.37 6.77
N LEU A 337 -30.40 -18.17 7.31
CA LEU A 337 -31.41 -17.42 8.03
C LEU A 337 -32.48 -16.96 7.07
N TYR A 338 -32.04 -16.52 5.87
CA TYR A 338 -33.01 -16.05 4.88
C TYR A 338 -33.89 -17.20 4.43
N GLU A 339 -33.29 -18.37 4.21
CA GLU A 339 -34.07 -19.52 3.77
C GLU A 339 -35.08 -19.92 4.84
N LYS A 340 -34.68 -19.85 6.10
CA LYS A 340 -35.63 -20.09 7.18
C LYS A 340 -36.75 -19.06 7.18
N ALA A 341 -36.39 -17.79 7.04
CA ALA A 341 -37.37 -16.74 7.03
C ALA A 341 -38.37 -16.95 5.94
N GLN A 342 -37.91 -17.42 4.78
CA GLN A 342 -38.86 -17.69 3.68
C GLN A 342 -39.85 -18.76 4.10
N SER A 343 -39.38 -19.76 4.84
CA SER A 343 -40.29 -20.83 5.21
C SER A 343 -41.34 -20.36 6.20
N TYR A 344 -41.08 -19.25 6.90
CA TYR A 344 -42.03 -18.65 7.83
C TYR A 344 -42.80 -17.50 7.22
N ASN A 345 -42.73 -17.33 5.89
CA ASN A 345 -43.42 -16.24 5.16
C ASN A 345 -42.90 -14.88 5.56
N LEU A 346 -41.58 -14.83 5.81
CA LEU A 346 -40.89 -13.60 6.16
C LEU A 346 -39.86 -13.22 5.11
N GLN A 347 -40.08 -13.63 3.85
CA GLN A 347 -39.12 -13.30 2.80
C GLN A 347 -38.87 -11.78 2.74
N LYS A 348 -39.93 -10.98 2.89
CA LYS A 348 -39.82 -9.53 2.73
C LYS A 348 -38.96 -8.86 3.81
N LEU A 349 -38.68 -9.52 4.94
CA LEU A 349 -37.76 -9.00 5.95
C LEU A 349 -36.33 -8.82 5.40
N PHE A 350 -36.02 -9.41 4.25
CA PHE A 350 -34.67 -9.40 3.72
C PHE A 350 -34.56 -8.61 2.41
N ASN A 351 -35.63 -7.97 1.93
CA ASN A 351 -35.49 -7.23 0.68
C ASN A 351 -34.44 -6.12 0.82
N ASP A 352 -34.55 -5.29 1.87
CA ASP A 352 -33.61 -4.19 2.07
C ASP A 352 -32.20 -4.68 2.36
N SER A 353 -32.04 -5.69 3.21
CA SER A 353 -30.69 -6.18 3.48
C SER A 353 -30.09 -6.84 2.25
N ASN A 354 -30.89 -7.54 1.44
CA ASN A 354 -30.33 -8.08 0.19
C ASN A 354 -29.78 -6.96 -0.67
N ASP A 355 -30.46 -5.82 -0.65
CA ASP A 355 -30.03 -4.64 -1.38
C ASP A 355 -28.74 -4.05 -0.80
N PHE A 356 -28.66 -3.91 0.53
CA PHE A 356 -27.40 -3.47 1.13
C PHE A 356 -26.26 -4.38 0.74
N LEU A 357 -26.45 -5.69 0.84
CA LEU A 357 -25.33 -6.59 0.61
C LEU A 357 -24.86 -6.51 -0.83
N LYS A 358 -25.81 -6.32 -1.77
CA LYS A 358 -25.42 -6.07 -3.17
C LYS A 358 -24.53 -4.84 -3.30
N LYS A 359 -24.95 -3.75 -2.65
CA LYS A 359 -24.21 -2.49 -2.70
C LYS A 359 -22.80 -2.64 -2.10
N TYR A 360 -22.70 -3.30 -0.95
CA TYR A 360 -21.37 -3.51 -0.34
C TYR A 360 -20.49 -4.40 -1.21
N ALA A 361 -21.09 -5.42 -1.83
CA ALA A 361 -20.32 -6.37 -2.64
C ALA A 361 -19.75 -5.73 -3.89
N ILE A 362 -20.43 -4.73 -4.47
CA ILE A 362 -19.94 -4.19 -5.74
C ILE A 362 -19.08 -2.92 -5.59
N MET A 363 -19.08 -2.28 -4.42
CA MET A 363 -18.03 -1.32 -4.10
C MET A 363 -16.66 -1.88 -4.41
N GLY A 364 -15.93 -1.17 -5.26
CA GLY A 364 -14.57 -1.51 -5.62
C GLY A 364 -14.43 -2.52 -6.73
N ASN A 365 -15.54 -3.03 -7.30
CA ASN A 365 -15.51 -4.11 -8.28
C ASN A 365 -16.23 -3.71 -9.58
N SER A 366 -16.29 -2.41 -9.90
CA SER A 366 -17.04 -1.95 -11.08
C SER A 366 -16.15 -1.21 -12.07
#